data_7AE6
#
_entry.id   7AE6
#
_cell.length_a   60.443
_cell.length_b   62.722
_cell.length_c   84.356
_cell.angle_alpha   90.000
_cell.angle_beta   90.000
_cell.angle_gamma   90.000
#
_symmetry.space_group_name_H-M   'P 21 21 21'
#
loop_
_entity.id
_entity.type
_entity.pdbx_description
1 polymer 'HEPN toxin'
2 non-polymer 'ADENOSINE MONOPHOSPHATE'
3 non-polymer 1,2-ETHANEDIOL
4 water water
#
_entity_poly.entity_id   1
_entity_poly.type   'polypeptide(L)'
_entity_poly.pdbx_seq_one_letter_code
;MTNIEPVIIETRLELIGRYLDHLKKFENISLDDYLSSFEQQLITERLLQLITQAAIDINDHILSKLKSGKSYTNFEAFIE
LGKYQILTPELAKQIAPSSGLANRLVHEYDDIDPNQVFMAISFALQQYPLYVRQINSYLITLEEENDLESGHHHHHH
;
_entity_poly.pdbx_strand_id   A,B
#
loop_
_chem_comp.id
_chem_comp.type
_chem_comp.name
_chem_comp.formula
AMP non-polymer 'ADENOSINE MONOPHOSPHATE' 'C10 H14 N5 O7 P'
EDO non-polymer 1,2-ETHANEDIOL 'C2 H6 O2'
#
# COMPACT_ATOMS: atom_id res chain seq x y z
N ASN A 3 -0.91 -17.96 -25.74
CA ASN A 3 -1.85 -17.07 -25.07
C ASN A 3 -1.21 -16.49 -23.80
N ILE A 4 -1.32 -15.17 -23.66
CA ILE A 4 -0.67 -14.49 -22.54
C ILE A 4 -1.55 -14.43 -21.29
N GLU A 5 -2.87 -14.49 -21.43
CA GLU A 5 -3.74 -14.44 -20.26
C GLU A 5 -3.50 -15.57 -19.27
N PRO A 6 -3.35 -16.83 -19.69
CA PRO A 6 -3.09 -17.90 -18.70
C PRO A 6 -1.80 -17.69 -17.92
N VAL A 7 -0.73 -17.28 -18.59
CA VAL A 7 0.53 -17.04 -17.88
C VAL A 7 0.36 -15.91 -16.87
N ILE A 8 -0.37 -14.87 -17.25
CA ILE A 8 -0.60 -13.75 -16.34
C ILE A 8 -1.36 -14.22 -15.11
N ILE A 9 -2.43 -14.99 -15.31
CA ILE A 9 -3.19 -15.46 -14.16
C ILE A 9 -2.36 -16.40 -13.29
N GLU A 10 -1.62 -17.32 -13.93
CA GLU A 10 -0.89 -18.32 -13.17
C GLU A 10 0.21 -17.69 -12.31
N THR A 11 0.89 -16.68 -12.83
N THR A 11 0.93 -16.70 -12.83
CA THR A 11 1.93 -16.04 -12.05
CA THR A 11 1.94 -16.04 -12.01
C THR A 11 1.34 -15.29 -10.85
C THR A 11 1.30 -15.36 -10.80
N ARG A 12 0.17 -14.69 -11.02
CA ARG A 12 -0.47 -14.00 -9.90
C ARG A 12 -1.01 -14.99 -8.87
N LEU A 13 -1.53 -16.13 -9.33
CA LEU A 13 -2.00 -17.14 -8.37
C LEU A 13 -0.85 -17.70 -7.55
N GLU A 14 0.30 -17.92 -8.19
CA GLU A 14 1.46 -18.38 -7.43
C GLU A 14 1.84 -17.39 -6.34
N LEU A 15 1.78 -16.09 -6.65
CA LEU A 15 2.09 -15.09 -5.63
C LEU A 15 1.05 -15.08 -4.52
N ILE A 16 -0.23 -15.13 -4.87
CA ILE A 16 -1.28 -15.17 -3.84
C ILE A 16 -1.06 -16.35 -2.91
N GLY A 17 -0.74 -17.51 -3.48
CA GLY A 17 -0.47 -18.67 -2.64
C GLY A 17 0.67 -18.45 -1.68
N ARG A 18 1.75 -17.80 -2.16
CA ARG A 18 2.87 -17.51 -1.27
C ARG A 18 2.48 -16.52 -0.18
N TYR A 19 1.75 -15.46 -0.54
CA TYR A 19 1.29 -14.50 0.46
C TYR A 19 0.39 -15.16 1.50
N LEU A 20 -0.52 -16.04 1.05
CA LEU A 20 -1.36 -16.76 1.99
C LEU A 20 -0.55 -17.63 2.94
N ASP A 21 0.54 -18.25 2.45
CA ASP A 21 1.37 -19.05 3.34
C ASP A 21 1.92 -18.20 4.48
N HIS A 22 2.32 -16.96 4.19
CA HIS A 22 2.81 -16.07 5.23
C HIS A 22 1.68 -15.58 6.14
N LEU A 23 0.51 -15.32 5.56
CA LEU A 23 -0.62 -14.84 6.35
C LEU A 23 -1.10 -15.91 7.32
N LYS A 24 -1.06 -17.19 6.91
CA LYS A 24 -1.51 -18.26 7.79
C LYS A 24 -0.76 -18.29 9.13
N LYS A 25 0.45 -17.72 9.20
CA LYS A 25 1.16 -17.64 10.46
C LYS A 25 0.39 -16.84 11.51
N PHE A 26 -0.52 -15.97 11.09
CA PHE A 26 -1.24 -15.09 11.98
C PHE A 26 -2.64 -15.58 12.32
N GLU A 27 -3.00 -16.80 11.91
CA GLU A 27 -4.39 -17.23 12.05
C GLU A 27 -4.82 -17.37 13.51
N ASN A 28 -3.89 -17.61 14.43
CA ASN A 28 -4.22 -17.88 15.82
C ASN A 28 -3.81 -16.75 16.77
N ILE A 29 -3.57 -15.55 16.25
CA ILE A 29 -3.14 -14.45 17.11
C ILE A 29 -4.36 -13.84 17.78
N SER A 30 -4.21 -13.46 19.04
CA SER A 30 -5.29 -12.82 19.76
C SER A 30 -5.38 -11.34 19.42
N LEU A 31 -6.58 -10.79 19.60
CA LEU A 31 -6.78 -9.38 19.32
C LEU A 31 -5.85 -8.50 20.17
N ASP A 32 -5.74 -8.81 21.47
CA ASP A 32 -4.89 -7.98 22.31
C ASP A 32 -3.42 -8.07 21.89
N ASP A 33 -2.95 -9.28 21.56
CA ASP A 33 -1.60 -9.41 21.02
C ASP A 33 -1.46 -8.59 19.73
N TYR A 34 -2.46 -8.66 18.86
CA TYR A 34 -2.40 -7.96 17.58
C TYR A 34 -2.39 -6.46 17.78
N LEU A 35 -3.27 -5.94 18.63
CA LEU A 35 -3.35 -4.50 18.83
C LEU A 35 -2.12 -3.94 19.53
N SER A 36 -1.32 -4.78 20.18
CA SER A 36 -0.13 -4.33 20.89
C SER A 36 1.14 -4.43 20.05
N SER A 37 1.06 -4.89 18.80
CA SER A 37 2.25 -5.11 17.99
C SER A 37 2.09 -4.37 16.67
N PHE A 38 2.69 -3.18 16.57
CA PHE A 38 2.60 -2.46 15.30
C PHE A 38 3.22 -3.29 14.17
N GLU A 39 4.30 -4.04 14.46
CA GLU A 39 4.96 -4.78 13.38
C GLU A 39 4.08 -5.89 12.84
N GLN A 40 3.37 -6.61 13.71
CA GLN A 40 2.45 -7.62 13.18
C GLN A 40 1.29 -6.99 12.42
N GLN A 41 0.86 -5.78 12.81
CA GLN A 41 -0.14 -5.08 12.01
C GLN A 41 0.42 -4.72 10.64
N LEU A 42 1.66 -4.26 10.57
CA LEU A 42 2.24 -3.88 9.28
C LEU A 42 2.34 -5.08 8.36
N ILE A 43 2.83 -6.21 8.87
CA ILE A 43 2.99 -7.40 8.04
C ILE A 43 1.65 -7.84 7.48
N THR A 44 0.64 -7.97 8.34
CA THR A 44 -0.66 -8.44 7.88
C THR A 44 -1.33 -7.43 6.97
N GLU A 45 -1.19 -6.13 7.24
CA GLU A 45 -1.74 -5.13 6.35
C GLU A 45 -1.12 -5.22 4.96
N ARG A 46 0.20 -5.36 4.87
CA ARG A 46 0.78 -5.41 3.53
C ARG A 46 0.50 -6.74 2.83
N LEU A 47 0.45 -7.85 3.58
CA LEU A 47 0.07 -9.13 2.96
C LEU A 47 -1.33 -9.04 2.36
N LEU A 48 -2.28 -8.47 3.11
CA LEU A 48 -3.63 -8.31 2.59
C LEU A 48 -3.65 -7.38 1.38
N GLN A 49 -2.85 -6.31 1.40
CA GLN A 49 -2.77 -5.43 0.25
C GLN A 49 -2.29 -6.19 -0.97
N LEU A 50 -1.24 -7.01 -0.81
CA LEU A 50 -0.65 -7.70 -1.96
C LEU A 50 -1.59 -8.77 -2.50
N ILE A 51 -2.27 -9.49 -1.61
CA ILE A 51 -3.20 -10.54 -2.02
C ILE A 51 -4.33 -9.93 -2.85
N THR A 52 -4.96 -8.89 -2.30
CA THR A 52 -6.10 -8.29 -2.97
C THR A 52 -5.69 -7.63 -4.28
N GLN A 53 -4.53 -6.96 -4.32
CA GLN A 53 -4.11 -6.35 -5.57
C GLN A 53 -3.85 -7.39 -6.64
N ALA A 54 -3.25 -8.54 -6.26
CA ALA A 54 -3.01 -9.60 -7.24
C ALA A 54 -4.32 -10.16 -7.78
N ALA A 55 -5.31 -10.34 -6.89
CA ALA A 55 -6.62 -10.82 -7.31
C ALA A 55 -7.31 -9.82 -8.22
N ILE A 56 -7.24 -8.54 -7.87
CA ILE A 56 -7.81 -7.50 -8.72
C ILE A 56 -7.19 -7.53 -10.11
N ASP A 57 -5.87 -7.76 -10.19
CA ASP A 57 -5.20 -7.89 -11.48
C ASP A 57 -5.72 -9.08 -12.26
N ILE A 58 -5.80 -10.25 -11.61
CA ILE A 58 -6.39 -11.44 -12.24
C ILE A 58 -7.78 -11.13 -12.78
N ASN A 59 -8.65 -10.57 -11.93
CA ASN A 59 -10.05 -10.34 -12.33
C ASN A 59 -10.12 -9.44 -13.56
N ASP A 60 -9.26 -8.42 -13.61
N ASP A 60 -9.29 -8.39 -13.60
CA ASP A 60 -9.24 -7.51 -14.74
CA ASP A 60 -9.24 -7.51 -14.76
C ASP A 60 -8.88 -8.23 -16.04
C ASP A 60 -8.95 -8.30 -16.02
N HIS A 61 -7.97 -9.20 -15.96
CA HIS A 61 -7.58 -9.93 -17.17
C HIS A 61 -8.65 -10.94 -17.57
N ILE A 62 -9.33 -11.54 -16.59
CA ILE A 62 -10.40 -12.47 -16.92
C ILE A 62 -11.53 -11.73 -17.59
N LEU A 63 -11.93 -10.60 -17.02
CA LEU A 63 -13.12 -9.90 -17.51
C LEU A 63 -12.85 -9.12 -18.80
N SER A 64 -11.60 -8.70 -19.04
CA SER A 64 -11.30 -8.02 -20.31
C SER A 64 -11.57 -8.93 -21.50
N LYS A 65 -11.39 -10.23 -21.32
CA LYS A 65 -11.70 -11.18 -22.38
C LYS A 65 -13.20 -11.39 -22.54
N LEU A 66 -13.96 -11.28 -21.45
CA LEU A 66 -15.38 -11.59 -21.48
C LEU A 66 -16.25 -10.36 -21.69
N LYS A 67 -15.84 -9.21 -21.17
CA LYS A 67 -16.57 -7.97 -21.30
C LYS A 67 -15.96 -7.16 -22.44
N SER A 68 -16.75 -6.88 -23.47
CA SER A 68 -16.28 -6.16 -24.64
C SER A 68 -16.24 -4.67 -24.31
N GLY A 69 -15.20 -4.27 -23.57
CA GLY A 69 -14.97 -2.88 -23.24
C GLY A 69 -15.85 -2.32 -22.14
N LYS A 70 -16.84 -3.07 -21.65
CA LYS A 70 -17.68 -2.59 -20.57
C LYS A 70 -16.85 -2.39 -19.30
N SER A 71 -17.12 -1.30 -18.59
CA SER A 71 -16.32 -0.96 -17.42
C SER A 71 -16.88 -1.61 -16.17
N TYR A 72 -16.05 -1.62 -15.13
CA TYR A 72 -16.39 -2.23 -13.86
C TYR A 72 -15.42 -1.73 -12.82
N THR A 73 -15.92 -1.55 -11.59
CA THR A 73 -15.07 -1.26 -10.46
C THR A 73 -14.45 -2.56 -9.95
N ASN A 74 -13.50 -2.43 -9.03
CA ASN A 74 -12.84 -3.63 -8.51
C ASN A 74 -13.82 -4.48 -7.69
N PHE A 75 -14.72 -3.84 -6.93
CA PHE A 75 -15.77 -4.59 -6.25
C PHE A 75 -16.63 -5.34 -7.27
N GLU A 76 -17.09 -4.63 -8.31
CA GLU A 76 -18.00 -5.23 -9.28
C GLU A 76 -17.36 -6.42 -10.00
N ALA A 77 -16.04 -6.38 -10.21
CA ALA A 77 -15.38 -7.47 -10.93
C ALA A 77 -15.59 -8.80 -10.22
N PHE A 78 -15.49 -8.81 -8.89
CA PHE A 78 -15.73 -10.03 -8.13
C PHE A 78 -17.13 -10.54 -8.37
N ILE A 79 -18.12 -9.65 -8.35
CA ILE A 79 -19.51 -10.08 -8.55
C ILE A 79 -19.71 -10.58 -9.97
N GLU A 80 -19.09 -9.92 -10.95
CA GLU A 80 -19.17 -10.39 -12.33
C GLU A 80 -18.64 -11.82 -12.46
N LEU A 81 -17.54 -12.14 -11.76
CA LEU A 81 -17.02 -13.50 -11.79
C LEU A 81 -18.05 -14.48 -11.24
N GLY A 82 -18.82 -14.07 -10.24
CA GLY A 82 -19.89 -14.93 -9.75
C GLY A 82 -20.98 -15.13 -10.78
N LYS A 83 -21.37 -14.05 -11.47
CA LYS A 83 -22.38 -14.18 -12.50
C LYS A 83 -21.92 -15.14 -13.60
N TYR A 84 -20.65 -15.07 -13.97
CA TYR A 84 -20.09 -15.98 -14.95
C TYR A 84 -19.82 -17.37 -14.41
N GLN A 85 -20.13 -17.62 -13.13
CA GLN A 85 -19.88 -18.90 -12.47
C GLN A 85 -18.39 -19.28 -12.50
N ILE A 86 -17.52 -18.27 -12.57
CA ILE A 86 -16.09 -18.50 -12.41
C ILE A 86 -15.74 -18.59 -10.93
N LEU A 87 -16.36 -17.74 -10.11
CA LEU A 87 -16.47 -17.93 -8.68
C LEU A 87 -17.88 -18.37 -8.34
N THR A 88 -18.03 -19.12 -7.25
CA THR A 88 -19.36 -19.37 -6.76
C THR A 88 -19.97 -18.05 -6.29
N PRO A 89 -21.28 -17.84 -6.48
CA PRO A 89 -21.89 -16.59 -6.00
C PRO A 89 -21.66 -16.36 -4.52
N GLU A 90 -21.70 -17.42 -3.71
CA GLU A 90 -21.46 -17.26 -2.28
C GLU A 90 -20.07 -16.68 -2.02
N LEU A 91 -19.04 -17.25 -2.66
CA LEU A 91 -17.72 -16.70 -2.48
C LEU A 91 -17.62 -15.30 -3.06
N ALA A 92 -18.21 -15.08 -4.24
CA ALA A 92 -18.12 -13.77 -4.87
C ALA A 92 -18.62 -12.66 -3.93
N LYS A 93 -19.79 -12.87 -3.33
CA LYS A 93 -20.34 -11.82 -2.48
C LYS A 93 -19.55 -11.68 -1.18
N GLN A 94 -18.96 -12.78 -0.71
CA GLN A 94 -18.17 -12.71 0.53
C GLN A 94 -16.86 -11.97 0.29
N ILE A 95 -16.25 -12.19 -0.87
CA ILE A 95 -14.89 -11.72 -1.09
C ILE A 95 -14.85 -10.37 -1.80
N ALA A 96 -15.94 -9.95 -2.45
CA ALA A 96 -15.96 -8.65 -3.10
C ALA A 96 -15.55 -7.48 -2.20
N PRO A 97 -15.98 -7.39 -0.94
CA PRO A 97 -15.54 -6.26 -0.10
C PRO A 97 -14.04 -6.18 0.11
N SER A 98 -13.28 -7.23 -0.19
CA SER A 98 -11.84 -7.11 -0.07
C SER A 98 -11.29 -6.04 -1.00
N SER A 99 -12.02 -5.68 -2.07
CA SER A 99 -11.66 -4.53 -2.89
C SER A 99 -11.66 -3.25 -2.07
N GLY A 100 -12.62 -3.10 -1.15
CA GLY A 100 -12.63 -1.91 -0.30
C GLY A 100 -11.48 -1.92 0.68
N LEU A 101 -11.17 -3.09 1.22
CA LEU A 101 -9.97 -3.23 2.06
C LEU A 101 -8.72 -2.79 1.29
N ALA A 102 -8.57 -3.27 0.05
CA ALA A 102 -7.40 -2.91 -0.74
C ALA A 102 -7.31 -1.39 -0.94
N ASN A 103 -8.45 -0.75 -1.24
CA ASN A 103 -8.43 0.68 -1.46
C ASN A 103 -8.00 1.42 -0.20
N ARG A 104 -8.43 0.93 0.97
CA ARG A 104 -8.02 1.58 2.21
C ARG A 104 -6.54 1.37 2.48
N LEU A 105 -6.01 0.20 2.13
CA LEU A 105 -4.61 -0.12 2.42
C LEU A 105 -3.65 0.62 1.50
N VAL A 106 -4.10 1.04 0.30
CA VAL A 106 -3.25 1.89 -0.52
C VAL A 106 -3.56 3.37 -0.35
N HIS A 107 -4.50 3.70 0.55
CA HIS A 107 -4.78 5.07 1.01
C HIS A 107 -5.56 5.87 -0.04
N GLU A 108 -6.46 5.19 -0.75
CA GLU A 108 -7.42 5.91 -1.58
C GLU A 108 -8.35 6.79 -0.75
N TYR A 109 -8.68 6.36 0.47
CA TYR A 109 -9.52 7.11 1.40
C TYR A 109 -9.46 6.48 2.80
N ASP A 110 -9.86 7.26 3.80
CA ASP A 110 -10.12 6.82 5.18
C ASP A 110 -8.86 6.51 6.01
N ASP A 111 -9.06 6.08 7.27
CA ASP A 111 -7.99 5.69 8.18
C ASP A 111 -8.16 4.24 8.60
N ILE A 112 -7.05 3.58 8.92
CA ILE A 112 -7.03 2.13 9.10
C ILE A 112 -7.47 1.78 10.52
N ASP A 113 -8.51 0.96 10.62
CA ASP A 113 -8.99 0.43 11.90
C ASP A 113 -8.36 -0.94 12.12
N PRO A 114 -7.42 -1.10 13.05
CA PRO A 114 -6.78 -2.40 13.22
C PRO A 114 -7.75 -3.51 13.59
N ASN A 115 -8.85 -3.18 14.26
CA ASN A 115 -9.86 -4.18 14.57
C ASN A 115 -10.48 -4.75 13.29
N GLN A 116 -10.64 -3.91 12.27
CA GLN A 116 -11.18 -4.40 11.00
C GLN A 116 -10.14 -5.23 10.26
N VAL A 117 -8.88 -4.81 10.31
CA VAL A 117 -7.82 -5.61 9.69
C VAL A 117 -7.68 -6.95 10.37
N PHE A 118 -7.78 -6.97 11.71
CA PHE A 118 -7.76 -8.22 12.45
C PHE A 118 -8.80 -9.21 11.93
N MET A 119 -10.03 -8.74 11.74
CA MET A 119 -11.07 -9.64 11.23
C MET A 119 -10.79 -10.04 9.79
N ALA A 120 -10.20 -9.13 9.00
CA ALA A 120 -9.90 -9.44 7.60
C ALA A 120 -8.86 -10.56 7.46
N ILE A 121 -7.99 -10.73 8.46
CA ILE A 121 -7.05 -11.85 8.43
C ILE A 121 -7.81 -13.16 8.33
N SER A 122 -8.79 -13.35 9.22
CA SER A 122 -9.58 -14.57 9.22
C SER A 122 -10.40 -14.69 7.94
N PHE A 123 -11.07 -13.62 7.54
CA PHE A 123 -11.87 -13.68 6.31
C PHE A 123 -11.00 -14.07 5.11
N ALA A 124 -9.80 -13.50 5.02
CA ALA A 124 -8.96 -13.77 3.86
C ALA A 124 -8.45 -15.20 3.87
N LEU A 125 -8.10 -15.73 5.05
CA LEU A 125 -7.64 -17.11 5.14
C LEU A 125 -8.75 -18.10 4.84
N GLN A 126 -10.00 -17.71 5.02
CA GLN A 126 -11.12 -18.59 4.68
C GLN A 126 -11.45 -18.48 3.19
N GLN A 127 -11.40 -17.27 2.65
CA GLN A 127 -11.95 -17.03 1.34
C GLN A 127 -10.91 -17.10 0.23
N TYR A 128 -9.71 -16.55 0.44
CA TYR A 128 -8.80 -16.52 -0.69
C TYR A 128 -8.21 -17.88 -1.10
N PRO A 129 -8.08 -18.86 -0.20
CA PRO A 129 -7.72 -20.20 -0.70
C PRO A 129 -8.81 -20.78 -1.61
N LEU A 130 -10.08 -20.50 -1.33
CA LEU A 130 -11.15 -20.93 -2.23
C LEU A 130 -11.10 -20.18 -3.55
N TYR A 131 -10.84 -18.87 -3.48
CA TYR A 131 -10.61 -18.08 -4.68
C TYR A 131 -9.53 -18.69 -5.55
N VAL A 132 -8.40 -19.06 -4.94
CA VAL A 132 -7.28 -19.62 -5.72
C VAL A 132 -7.73 -20.90 -6.41
N ARG A 133 -8.43 -21.78 -5.69
N ARG A 133 -8.40 -21.79 -5.68
CA ARG A 133 -8.82 -23.05 -6.28
CA ARG A 133 -8.85 -23.05 -6.25
C ARG A 133 -9.84 -22.87 -7.40
C ARG A 133 -9.80 -22.82 -7.42
N GLN A 134 -10.74 -21.89 -7.27
CA GLN A 134 -11.75 -21.69 -8.30
C GLN A 134 -11.16 -20.98 -9.51
N ILE A 135 -10.25 -20.03 -9.30
CA ILE A 135 -9.59 -19.42 -10.45
C ILE A 135 -8.72 -20.45 -11.16
N ASN A 136 -8.08 -21.34 -10.40
N ASN A 136 -8.09 -21.35 -10.41
CA ASN A 136 -7.29 -22.41 -11.00
CA ASN A 136 -7.28 -22.39 -11.03
C ASN A 136 -8.15 -23.28 -11.90
C ASN A 136 -8.14 -23.30 -11.90
N SER A 137 -9.36 -23.61 -11.46
CA SER A 137 -10.26 -24.40 -12.29
C SER A 137 -10.64 -23.63 -13.56
N TYR A 138 -10.87 -22.32 -13.43
CA TYR A 138 -11.18 -21.53 -14.63
C TYR A 138 -9.98 -21.49 -15.57
N LEU A 139 -8.77 -21.37 -15.01
CA LEU A 139 -7.56 -21.34 -15.83
C LEU A 139 -7.47 -22.56 -16.72
N ILE A 140 -7.88 -23.73 -16.21
CA ILE A 140 -7.90 -24.94 -17.04
C ILE A 140 -8.91 -24.79 -18.16
N THR A 141 -10.12 -24.31 -17.84
CA THR A 141 -11.13 -24.12 -18.87
C THR A 141 -10.66 -23.16 -19.94
N LEU A 142 -9.99 -22.08 -19.52
CA LEU A 142 -9.46 -21.10 -20.46
C LEU A 142 -8.43 -21.74 -21.39
N GLU A 143 -7.46 -22.47 -20.82
CA GLU A 143 -6.46 -23.14 -21.65
C GLU A 143 -7.12 -24.14 -22.61
N GLU A 144 -8.16 -24.83 -22.16
CA GLU A 144 -8.85 -25.76 -23.05
C GLU A 144 -9.59 -25.01 -24.16
N GLU A 145 -10.24 -23.89 -23.82
CA GLU A 145 -10.94 -23.10 -24.82
C GLU A 145 -9.97 -22.55 -25.87
N ASN A 146 -8.82 -22.04 -25.43
CA ASN A 146 -7.82 -21.57 -26.37
C ASN A 146 -7.33 -22.70 -27.27
N ASP A 147 -7.12 -23.88 -26.69
CA ASP A 147 -6.68 -25.03 -27.48
C ASP A 147 -7.78 -25.54 -28.40
N LEU A 148 -9.04 -25.35 -28.01
CA LEU A 148 -10.16 -25.82 -28.82
C LEU A 148 -10.49 -24.88 -29.97
N GLU A 149 -10.06 -23.62 -29.89
CA GLU A 149 -10.36 -22.64 -30.92
C GLU A 149 -9.19 -22.52 -31.91
N ILE B 4 -4.62 27.43 7.67
CA ILE B 4 -3.97 26.16 7.98
C ILE B 4 -4.36 25.67 9.37
N GLU B 5 -4.76 24.41 9.45
CA GLU B 5 -5.19 23.80 10.71
C GLU B 5 -4.02 23.06 11.35
N PRO B 6 -3.41 23.58 12.41
CA PRO B 6 -2.24 22.91 12.99
C PRO B 6 -2.46 21.46 13.37
N VAL B 7 -3.63 21.10 13.91
CA VAL B 7 -3.82 19.74 14.41
C VAL B 7 -3.87 18.75 13.26
N ILE B 8 -4.42 19.14 12.11
CA ILE B 8 -4.36 18.28 10.93
C ILE B 8 -2.91 17.98 10.57
N ILE B 9 -2.06 19.00 10.59
CA ILE B 9 -0.68 18.79 10.19
C ILE B 9 0.09 18.04 11.28
N GLU B 10 -0.07 18.47 12.54
CA GLU B 10 0.72 17.88 13.61
C GLU B 10 0.41 16.40 13.83
N THR B 11 -0.86 16.00 13.68
N THR B 11 -0.87 16.01 13.69
CA THR B 11 -1.17 14.58 13.81
CA THR B 11 -1.22 14.59 13.78
C THR B 11 -0.41 13.74 12.80
C THR B 11 -0.40 13.77 12.81
N ARG B 12 -0.31 14.23 11.55
CA ARG B 12 0.44 13.49 10.55
C ARG B 12 1.94 13.55 10.81
N LEU B 13 2.44 14.70 11.25
CA LEU B 13 3.86 14.75 11.60
C LEU B 13 4.19 13.75 12.69
N GLU B 14 3.34 13.66 13.71
CA GLU B 14 3.56 12.69 14.78
C GLU B 14 3.56 11.27 14.24
N LEU B 15 2.66 10.98 13.30
CA LEU B 15 2.63 9.65 12.69
C LEU B 15 3.93 9.39 11.95
N ILE B 16 4.39 10.35 11.14
CA ILE B 16 5.68 10.19 10.48
C ILE B 16 6.78 9.90 11.49
N GLY B 17 6.83 10.67 12.58
CA GLY B 17 7.86 10.41 13.58
C GLY B 17 7.76 9.02 14.15
N ARG B 18 6.53 8.55 14.38
N ARG B 18 6.53 8.57 14.42
CA ARG B 18 6.32 7.22 14.93
CA ARG B 18 6.33 7.21 14.92
C ARG B 18 6.69 6.13 13.93
C ARG B 18 6.81 6.18 13.90
N TYR B 19 6.44 6.37 12.63
CA TYR B 19 6.85 5.41 11.62
C TYR B 19 8.37 5.38 11.48
N LEU B 20 9.01 6.57 11.53
CA LEU B 20 10.47 6.61 11.46
C LEU B 20 11.10 5.89 12.64
N ASP B 21 10.53 6.05 13.83
CA ASP B 21 11.03 5.37 15.01
C ASP B 21 11.02 3.86 14.80
N HIS B 22 9.96 3.35 14.16
CA HIS B 22 9.90 1.92 13.88
C HIS B 22 10.86 1.54 12.77
N LEU B 23 10.98 2.40 11.76
CA LEU B 23 11.88 2.12 10.65
C LEU B 23 13.33 2.10 11.10
N LYS B 24 13.66 2.94 12.10
CA LYS B 24 15.02 2.98 12.60
C LYS B 24 15.45 1.66 13.22
N LYS B 25 14.48 0.85 13.69
CA LYS B 25 14.82 -0.48 14.19
C LYS B 25 15.45 -1.35 13.12
N PHE B 26 15.29 -0.99 11.85
CA PHE B 26 15.83 -1.76 10.74
C PHE B 26 17.13 -1.20 10.18
N GLU B 27 17.66 -0.11 10.75
CA GLU B 27 18.71 0.63 10.06
C GLU B 27 20.04 -0.10 10.02
N ASN B 28 20.23 -1.16 10.81
CA ASN B 28 21.49 -1.88 10.81
C ASN B 28 21.38 -3.27 10.21
N ILE B 29 20.23 -3.62 9.63
N ILE B 29 20.24 -3.62 9.61
CA ILE B 29 20.09 -4.93 9.02
CA ILE B 29 20.07 -4.98 9.06
C ILE B 29 21.05 -5.03 7.85
C ILE B 29 20.88 -5.11 7.78
N SER B 30 21.61 -6.21 7.65
CA SER B 30 22.44 -6.43 6.48
C SER B 30 21.54 -6.70 5.27
N LEU B 31 22.08 -6.42 4.08
CA LEU B 31 21.27 -6.63 2.88
C LEU B 31 20.91 -8.11 2.73
N ASP B 32 21.85 -9.01 3.00
CA ASP B 32 21.54 -10.41 2.78
C ASP B 32 20.43 -10.89 3.72
N ASP B 33 20.44 -10.43 4.98
CA ASP B 33 19.35 -10.77 5.89
C ASP B 33 18.03 -10.13 5.43
N TYR B 34 18.11 -8.90 4.91
CA TYR B 34 16.91 -8.23 4.40
C TYR B 34 16.30 -9.00 3.22
N LEU B 35 17.13 -9.35 2.23
CA LEU B 35 16.63 -10.10 1.08
C LEU B 35 16.12 -11.48 1.48
N SER B 36 16.62 -12.03 2.58
CA SER B 36 16.17 -13.34 3.04
C SER B 36 14.83 -13.27 3.76
N SER B 37 14.44 -12.11 4.26
CA SER B 37 13.27 -11.97 5.12
C SER B 37 12.16 -11.22 4.40
N PHE B 38 11.22 -11.96 3.81
CA PHE B 38 10.08 -11.29 3.17
C PHE B 38 9.32 -10.43 4.18
N GLU B 39 9.16 -10.90 5.41
CA GLU B 39 8.38 -10.14 6.38
C GLU B 39 9.08 -8.84 6.77
N GLN B 40 10.41 -8.83 6.83
CA GLN B 40 11.09 -7.56 7.05
C GLN B 40 10.94 -6.62 5.85
N GLN B 41 10.94 -7.16 4.64
CA GLN B 41 10.66 -6.32 3.48
C GLN B 41 9.27 -5.73 3.57
N LEU B 42 8.29 -6.55 3.99
CA LEU B 42 6.91 -6.05 4.10
C LEU B 42 6.80 -4.92 5.10
N ILE B 43 7.42 -5.09 6.28
CA ILE B 43 7.36 -4.05 7.31
C ILE B 43 7.96 -2.76 6.78
N THR B 44 9.14 -2.83 6.17
N THR B 44 9.16 -2.86 6.23
CA THR B 44 9.77 -1.58 5.76
CA THR B 44 9.85 -1.70 5.68
C THR B 44 9.07 -0.98 4.55
C THR B 44 9.01 -1.02 4.62
N GLU B 45 8.52 -1.81 3.66
CA GLU B 45 7.76 -1.26 2.55
C GLU B 45 6.52 -0.53 3.04
N ARG B 46 5.80 -1.12 3.99
CA ARG B 46 4.60 -0.41 4.45
C ARG B 46 4.96 0.82 5.25
N LEU B 47 6.02 0.78 6.07
CA LEU B 47 6.44 1.99 6.77
C LEU B 47 6.79 3.11 5.78
N LEU B 48 7.52 2.79 4.72
CA LEU B 48 7.90 3.83 3.77
C LEU B 48 6.68 4.36 3.04
N GLN B 49 5.74 3.47 2.70
CA GLN B 49 4.50 3.94 2.11
C GLN B 49 3.75 4.89 3.03
N LEU B 50 3.61 4.52 4.30
CA LEU B 50 2.87 5.36 5.24
C LEU B 50 3.55 6.70 5.46
N ILE B 51 4.89 6.71 5.55
CA ILE B 51 5.63 7.95 5.75
C ILE B 51 5.41 8.89 4.59
N THR B 52 5.62 8.37 3.37
CA THR B 52 5.52 9.23 2.20
C THR B 52 4.09 9.69 1.95
N GLN B 53 3.11 8.82 2.17
CA GLN B 53 1.73 9.25 2.00
C GLN B 53 1.31 10.29 3.04
N ALA B 54 1.80 10.18 4.28
CA ALA B 54 1.50 11.22 5.26
C ALA B 54 2.09 12.56 4.82
N ALA B 55 3.31 12.54 4.29
CA ALA B 55 3.93 13.77 3.81
C ALA B 55 3.15 14.36 2.64
N ILE B 56 2.73 13.51 1.71
CA ILE B 56 1.96 14.00 0.58
C ILE B 56 0.67 14.67 1.06
N ASP B 57 0.04 14.08 2.08
CA ASP B 57 -1.18 14.67 2.63
C ASP B 57 -0.91 16.00 3.31
N ILE B 58 0.16 16.08 4.12
CA ILE B 58 0.59 17.35 4.73
C ILE B 58 0.81 18.40 3.64
N ASN B 59 1.57 18.05 2.60
CA ASN B 59 1.89 19.04 1.58
C ASN B 59 0.63 19.55 0.91
N ASP B 60 -0.31 18.64 0.64
N ASP B 60 -0.32 18.65 0.64
CA ASP B 60 -1.55 19.03 -0.02
CA ASP B 60 -1.58 19.05 0.03
C ASP B 60 -2.35 19.99 0.85
C ASP B 60 -2.35 20.02 0.92
N HIS B 61 -2.40 19.73 2.16
N HIS B 61 -2.39 19.74 2.22
CA HIS B 61 -3.12 20.62 3.05
CA HIS B 61 -3.13 20.62 3.13
C HIS B 61 -2.49 22.01 3.06
C HIS B 61 -2.49 21.99 3.21
N ILE B 62 -1.16 22.06 3.23
CA ILE B 62 -0.48 23.35 3.29
C ILE B 62 -0.69 24.12 2.00
N LEU B 63 -0.47 23.47 0.86
CA LEU B 63 -0.57 24.18 -0.41
C LEU B 63 -2.01 24.58 -0.72
N SER B 64 -2.99 23.83 -0.24
CA SER B 64 -4.38 24.19 -0.48
C SER B 64 -4.74 25.50 0.20
N LYS B 65 -4.01 25.87 1.27
CA LYS B 65 -4.30 27.10 1.98
C LYS B 65 -3.48 28.27 1.44
N LEU B 66 -2.30 28.00 0.88
CA LEU B 66 -1.47 29.06 0.31
C LEU B 66 -1.86 29.28 -1.15
N LYS B 67 -1.45 28.36 -2.03
CA LYS B 67 -1.71 28.49 -3.46
C LYS B 67 -3.06 27.85 -3.80
N SER B 68 -4.12 28.45 -3.28
CA SER B 68 -5.47 28.00 -3.58
C SER B 68 -5.80 28.16 -5.06
N LYS B 70 -3.61 27.01 -7.72
CA LYS B 70 -2.80 26.15 -8.56
C LYS B 70 -2.83 24.71 -8.06
N SER B 71 -2.59 23.76 -8.97
CA SER B 71 -2.52 22.35 -8.62
C SER B 71 -1.13 21.83 -8.92
N TYR B 72 -0.62 21.00 -8.03
CA TYR B 72 0.72 20.46 -8.14
C TYR B 72 0.66 18.94 -8.15
N THR B 73 1.56 18.32 -8.91
CA THR B 73 1.73 16.89 -8.72
C THR B 73 2.38 16.65 -7.35
N ASN B 74 2.36 15.39 -6.91
CA ASN B 74 2.93 15.12 -5.58
C ASN B 74 4.43 15.45 -5.54
N PHE B 75 5.15 15.18 -6.64
CA PHE B 75 6.56 15.55 -6.69
C PHE B 75 6.73 17.05 -6.62
N GLU B 76 5.96 17.79 -7.41
CA GLU B 76 6.09 19.23 -7.45
C GLU B 76 5.70 19.87 -6.13
N ALA B 77 4.81 19.23 -5.39
CA ALA B 77 4.36 19.80 -4.12
C ALA B 77 5.52 20.00 -3.17
N PHE B 78 6.43 19.01 -3.09
CA PHE B 78 7.62 19.20 -2.27
C PHE B 78 8.44 20.38 -2.75
N ILE B 79 8.65 20.46 -4.07
CA ILE B 79 9.43 21.55 -4.63
C ILE B 79 8.78 22.90 -4.32
N GLU B 80 7.46 22.97 -4.36
CA GLU B 80 6.78 24.24 -4.12
C GLU B 80 6.96 24.68 -2.67
N LEU B 81 6.89 23.74 -1.73
CA LEU B 81 7.18 24.09 -0.34
C LEU B 81 8.59 24.64 -0.19
N GLY B 82 9.54 24.14 -0.98
CA GLY B 82 10.86 24.72 -0.98
C GLY B 82 10.88 26.16 -1.46
N LYS B 83 10.09 26.46 -2.48
CA LYS B 83 10.02 27.84 -2.98
C LYS B 83 9.48 28.79 -1.92
N TYR B 84 8.52 28.33 -1.12
CA TYR B 84 8.01 29.11 0.01
C TYR B 84 8.93 29.12 1.21
N GLN B 85 10.09 28.46 1.13
N GLN B 85 10.08 28.45 1.12
CA GLN B 85 11.02 28.32 2.24
CA GLN B 85 11.03 28.28 2.22
C GLN B 85 10.39 27.63 3.44
C GLN B 85 10.41 27.58 3.43
N ILE B 86 9.28 26.90 3.24
CA ILE B 86 8.73 26.06 4.29
C ILE B 86 9.60 24.82 4.48
N LEU B 87 9.99 24.19 3.37
CA LEU B 87 11.18 23.35 3.35
C LEU B 87 12.33 24.17 2.75
N THR B 88 13.56 23.74 3.04
CA THR B 88 14.67 24.29 2.27
C THR B 88 14.59 23.75 0.85
N PRO B 89 15.06 24.51 -0.13
CA PRO B 89 15.09 23.96 -1.50
C PRO B 89 15.95 22.71 -1.60
N GLU B 90 17.04 22.62 -0.84
CA GLU B 90 17.91 21.45 -0.92
C GLU B 90 17.20 20.21 -0.39
N LEU B 91 16.55 20.31 0.76
CA LEU B 91 15.78 19.18 1.25
C LEU B 91 14.64 18.83 0.30
N ALA B 92 13.93 19.86 -0.20
CA ALA B 92 12.80 19.59 -1.09
C ALA B 92 13.24 18.80 -2.31
N LYS B 93 14.40 19.17 -2.89
CA LYS B 93 14.92 18.46 -4.05
C LYS B 93 15.31 17.02 -3.71
N GLN B 94 15.90 16.81 -2.54
N GLN B 94 15.93 16.82 -2.54
CA GLN B 94 16.35 15.46 -2.20
CA GLN B 94 16.36 15.49 -2.14
C GLN B 94 15.20 14.55 -1.77
C GLN B 94 15.16 14.58 -1.86
N ILE B 95 14.13 15.12 -1.21
CA ILE B 95 13.04 14.31 -0.72
C ILE B 95 11.90 14.14 -1.71
N ALA B 96 11.80 15.01 -2.72
CA ALA B 96 10.71 14.90 -3.68
C ALA B 96 10.60 13.52 -4.32
N PRO B 97 11.70 12.80 -4.65
CA PRO B 97 11.53 11.47 -5.27
C PRO B 97 10.83 10.47 -4.37
N SER B 98 10.70 10.73 -3.07
CA SER B 98 9.95 9.79 -2.24
C SER B 98 8.49 9.76 -2.65
N SER B 99 8.01 10.76 -3.41
CA SER B 99 6.68 10.67 -3.99
C SER B 99 6.60 9.54 -5.01
N GLY B 100 7.66 9.34 -5.79
CA GLY B 100 7.71 8.18 -6.67
C GLY B 100 7.85 6.89 -5.91
N LEU B 101 8.58 6.92 -4.79
CA LEU B 101 8.65 5.72 -3.96
C LEU B 101 7.26 5.31 -3.49
N ALA B 102 6.43 6.28 -3.08
CA ALA B 102 5.07 5.97 -2.66
C ALA B 102 4.30 5.27 -3.77
N ASN B 103 4.42 5.77 -4.99
CA ASN B 103 3.69 5.17 -6.11
C ASN B 103 4.18 3.76 -6.36
N ARG B 104 5.50 3.56 -6.29
CA ARG B 104 6.12 2.25 -6.46
C ARG B 104 5.55 1.25 -5.45
N LEU B 105 5.41 1.68 -4.20
CA LEU B 105 5.02 0.78 -3.13
C LEU B 105 3.54 0.43 -3.13
N VAL B 106 2.70 1.20 -3.84
CA VAL B 106 1.31 0.81 -4.03
C VAL B 106 1.10 0.18 -5.41
N HIS B 107 2.18 -0.19 -6.09
CA HIS B 107 2.17 -0.96 -7.35
C HIS B 107 1.56 -0.16 -8.50
N GLU B 108 1.88 1.12 -8.55
CA GLU B 108 1.55 1.92 -9.73
C GLU B 108 2.53 1.69 -10.87
N TYR B 109 3.72 1.16 -10.57
CA TYR B 109 4.72 0.90 -11.61
C TYR B 109 4.88 -0.60 -11.78
N ASP B 110 6.10 -1.08 -12.03
CA ASP B 110 6.30 -2.52 -12.19
C ASP B 110 6.82 -3.09 -10.87
N ASP B 111 7.55 -4.20 -10.89
CA ASP B 111 7.86 -4.87 -9.63
C ASP B 111 8.76 -4.02 -8.74
N ILE B 112 8.66 -4.27 -7.45
CA ILE B 112 9.51 -3.61 -6.46
C ILE B 112 10.85 -4.33 -6.41
N ASP B 113 11.94 -3.58 -6.53
CA ASP B 113 13.29 -4.11 -6.37
C ASP B 113 13.67 -3.97 -4.90
N PRO B 114 13.75 -5.05 -4.13
CA PRO B 114 14.10 -4.91 -2.71
C PRO B 114 15.47 -4.29 -2.49
N ASN B 115 16.42 -4.45 -3.42
CA ASN B 115 17.72 -3.78 -3.26
C ASN B 115 17.55 -2.27 -3.19
N GLN B 116 16.62 -1.72 -3.95
CA GLN B 116 16.42 -0.28 -3.94
C GLN B 116 15.60 0.17 -2.73
N VAL B 117 14.65 -0.65 -2.27
CA VAL B 117 13.96 -0.34 -1.02
C VAL B 117 14.97 -0.32 0.12
N PHE B 118 15.90 -1.28 0.13
CA PHE B 118 16.90 -1.35 1.19
C PHE B 118 17.70 -0.05 1.26
N MET B 119 18.13 0.45 0.11
CA MET B 119 18.91 1.69 0.13
C MET B 119 18.03 2.87 0.51
N ALA B 120 16.75 2.85 0.11
CA ALA B 120 15.83 3.94 0.41
C ALA B 120 15.60 4.10 1.92
N ILE B 121 15.73 3.02 2.68
CA ILE B 121 15.58 3.10 4.13
C ILE B 121 16.50 4.16 4.71
N SER B 122 17.79 4.11 4.36
N SER B 122 17.79 4.11 4.36
CA SER B 122 18.74 5.04 4.96
CA SER B 122 18.75 5.03 4.94
C SER B 122 18.50 6.47 4.51
C SER B 122 18.50 6.47 4.51
N PHE B 123 18.02 6.67 3.27
CA PHE B 123 17.72 8.03 2.84
C PHE B 123 16.45 8.55 3.51
N ALA B 124 15.47 7.68 3.73
CA ALA B 124 14.28 8.11 4.47
C ALA B 124 14.64 8.50 5.90
N LEU B 125 15.53 7.72 6.52
CA LEU B 125 15.94 8.00 7.90
C LEU B 125 16.77 9.27 8.01
N GLN B 126 17.35 9.74 6.91
CA GLN B 126 18.08 10.99 6.90
C GLN B 126 17.18 12.17 6.57
N GLN B 127 16.36 12.02 5.52
CA GLN B 127 15.60 13.13 4.99
C GLN B 127 14.34 13.43 5.79
N TYR B 128 13.62 12.39 6.19
CA TYR B 128 12.31 12.68 6.78
C TYR B 128 12.39 13.27 8.18
N PRO B 129 13.39 12.95 9.01
CA PRO B 129 13.52 13.72 10.26
C PRO B 129 13.70 15.20 10.00
N LEU B 130 14.41 15.56 8.93
CA LEU B 130 14.58 16.97 8.58
C LEU B 130 13.27 17.56 8.09
N TYR B 131 12.52 16.80 7.29
CA TYR B 131 11.20 17.22 6.85
C TYR B 131 10.31 17.52 8.05
N VAL B 132 10.30 16.62 9.03
CA VAL B 132 9.48 16.82 10.22
C VAL B 132 9.91 18.08 10.96
N ARG B 133 11.22 18.26 11.13
CA ARG B 133 11.69 19.43 11.85
C ARG B 133 11.35 20.73 11.11
N GLN B 134 11.47 20.73 9.79
CA GLN B 134 11.17 21.95 9.04
C GLN B 134 9.68 22.26 9.05
N ILE B 135 8.82 21.24 8.86
CA ILE B 135 7.39 21.50 8.92
C ILE B 135 6.98 21.89 10.34
N ASN B 136 7.56 21.24 11.36
CA ASN B 136 7.24 21.61 12.74
C ASN B 136 7.62 23.06 13.01
N SER B 137 8.80 23.48 12.54
CA SER B 137 9.25 24.84 12.79
C SER B 137 8.32 25.85 12.15
N TYR B 138 7.77 25.51 10.98
CA TYR B 138 6.75 26.34 10.34
C TYR B 138 5.47 26.38 11.17
N LEU B 139 4.95 25.21 11.55
CA LEU B 139 3.74 25.16 12.38
C LEU B 139 3.89 25.98 13.66
N ILE B 140 5.04 25.83 14.34
CA ILE B 140 5.29 26.56 15.59
C ILE B 140 5.23 28.08 15.35
N THR B 141 5.77 28.53 14.22
CA THR B 141 5.72 29.95 13.90
C THR B 141 4.28 30.42 13.82
N LEU B 142 3.43 29.66 13.10
CA LEU B 142 2.02 30.03 12.99
C LEU B 142 1.35 30.04 14.36
N GLU B 143 1.68 29.05 15.21
CA GLU B 143 1.09 29.00 16.55
C GLU B 143 1.58 30.16 17.41
N GLU B 144 2.87 30.47 17.35
CA GLU B 144 3.40 31.55 18.17
C GLU B 144 2.93 32.92 17.70
N GLU B 145 2.56 33.05 16.42
CA GLU B 145 1.93 34.29 15.97
C GLU B 145 0.52 34.41 16.53
N ASN B 146 -0.24 33.32 16.56
CA ASN B 146 -1.58 33.36 17.13
C ASN B 146 -1.54 33.79 18.60
N ASP B 147 -0.57 33.32 19.35
CA ASP B 147 -0.40 33.73 20.74
C ASP B 147 0.05 35.19 20.81
P AMP C . -14.34 1.80 -1.29
O1P AMP C . -13.53 0.95 -2.26
O2P AMP C . -15.04 3.06 -1.75
O5' AMP C . -15.37 0.87 -0.53
C5' AMP C . -16.40 1.42 0.29
C4' AMP C . -17.34 0.32 0.75
O4' AMP C . -18.34 0.09 -0.28
C3' AMP C . -16.62 -1.02 0.97
O3' AMP C . -17.22 -1.70 2.08
C2' AMP C . -16.91 -1.78 -0.31
O2' AMP C . -16.87 -3.18 -0.17
C1' AMP C . -18.33 -1.28 -0.64
N9 AMP C . -18.71 -1.38 -2.06
C8 AMP C . -18.00 -0.99 -3.14
N7 AMP C . -18.70 -1.22 -4.29
C5 AMP C . -19.88 -1.78 -3.95
C6 AMP C . -21.08 -2.28 -4.67
N6 AMP C . -21.18 -2.25 -6.03
N1 AMP C . -22.09 -2.80 -3.93
C2 AMP C . -22.01 -2.84 -2.59
N3 AMP C . -20.95 -2.41 -1.88
C4 AMP C . -19.87 -1.89 -2.49
P AMP D . -16.69 -1.45 3.58
O1P AMP D . -16.62 0.03 3.86
O2P AMP D . -17.51 -2.33 4.49
O5' AMP D . -15.19 -2.01 3.56
C5' AMP D . -14.86 -3.27 2.99
C4' AMP D . -13.91 -4.06 3.86
O4' AMP D . -12.80 -3.20 4.26
C3' AMP D . -14.51 -4.54 5.18
O3' AMP D . -15.17 -5.79 5.05
C2' AMP D . -13.30 -4.60 6.12
O2' AMP D . -12.60 -5.82 5.96
C1' AMP D . -12.43 -3.46 5.59
N9 AMP D . -12.58 -2.21 6.35
C8 AMP D . -13.70 -1.51 6.61
N7 AMP D . -13.41 -0.39 7.33
C5 AMP D . -12.08 -0.38 7.52
C6 AMP D . -11.11 0.51 8.19
N6 AMP D . -11.51 1.64 8.81
N1 AMP D . -9.80 0.16 8.15
C2 AMP D . -9.38 -0.96 7.54
N3 AMP D . -10.20 -1.81 6.91
C4 AMP D . -11.54 -1.57 6.88
C1 EDO E . -11.54 -11.16 2.14
O1 EDO E . -12.91 -10.72 2.20
C2 EDO E . -10.77 -10.54 3.29
O2 EDO E . -10.97 -9.13 3.25
C1 EDO F . -15.03 -9.15 4.45
O1 EDO F . -14.56 -8.92 3.11
C2 EDO F . -16.44 -9.76 4.42
O2 EDO F . -16.37 -11.11 3.95
C1 EDO G . -7.25 -13.48 12.80
O1 EDO G . -8.42 -12.72 13.14
C2 EDO G . -6.37 -13.71 14.01
O2 EDO G . -7.01 -14.61 14.92
P AMP H . 6.44 8.29 -10.53
O1P AMP H . 6.28 8.12 -12.01
O2P AMP H . 5.92 9.45 -9.72
O5' AMP H . 7.96 8.02 -10.14
C5' AMP H . 8.89 7.57 -11.11
C4' AMP H . 10.15 8.38 -11.03
O4' AMP H . 9.90 9.69 -11.61
C3' AMP H . 10.62 8.64 -9.59
O3' AMP H . 12.04 8.58 -9.51
C2' AMP H . 10.21 10.09 -9.34
O2' AMP H . 11.02 10.77 -8.41
C1' AMP H . 10.36 10.69 -10.74
N9 AMP H . 9.58 11.89 -10.94
C8 AMP H . 8.23 12.00 -10.83
N7 AMP H . 7.85 13.26 -11.11
C5 AMP H . 8.96 13.97 -11.42
C6 AMP H . 9.29 15.35 -11.79
N6 AMP H . 8.29 16.25 -11.92
N1 AMP H . 10.58 15.67 -12.02
C2 AMP H . 11.57 14.78 -11.90
N3 AMP H . 11.36 13.49 -11.55
C4 AMP H . 10.10 13.04 -11.29
P AMP I . 12.80 7.20 -9.30
O1P AMP I . 14.24 7.57 -9.05
O2P AMP I . 12.57 6.28 -10.47
O5' AMP I . 12.16 6.55 -7.99
C5' AMP I . 11.99 7.26 -6.77
C4' AMP I . 12.57 6.44 -5.64
O4' AMP I . 11.96 5.13 -5.67
C3' AMP I . 14.06 6.15 -5.79
O3' AMP I . 14.86 7.23 -5.35
C2' AMP I . 14.23 4.87 -5.01
O2' AMP I . 14.17 5.15 -3.62
C1' AMP I . 12.93 4.14 -5.37
N9 AMP I . 13.02 3.23 -6.52
C8 AMP I . 13.33 3.48 -7.81
N7 AMP I . 13.20 2.37 -8.57
C5 AMP I . 12.79 1.37 -7.76
C6 AMP I . 12.46 -0.06 -7.88
N6 AMP I . 12.54 -0.69 -9.08
N1 AMP I . 12.07 -0.72 -6.77
C2 AMP I . 11.97 -0.11 -5.57
N3 AMP I . 12.26 1.19 -5.38
C4 AMP I . 12.66 1.95 -6.42
C1 EDO J . 12.50 5.91 21.04
O1 EDO J . 11.06 5.81 21.05
C2 EDO J . 13.13 4.53 20.97
O2 EDO J . 12.86 3.91 19.69
C1 EDO K . 13.14 8.15 -1.45
O1 EDO K . 13.95 8.43 -2.61
C2 EDO K . 13.98 8.22 -0.17
O2 EDO K . 13.28 8.99 0.83
C1 EDO L . 8.80 19.30 -12.53
O1 EDO L . 7.86 20.40 -12.48
C2 EDO L . 10.23 19.79 -12.38
O2 EDO L . 11.13 18.67 -12.20
#